data_8J5H
#
_entry.id   8J5H
#
_cell.length_a   70.152
_cell.length_b   77.572
_cell.length_c   83.945
_cell.angle_alpha   90.000
_cell.angle_beta   90.000
_cell.angle_gamma   90.000
#
_symmetry.space_group_name_H-M   'C 2 2 21'
#
loop_
_entity.id
_entity.type
_entity.pdbx_description
1 polymer 'Deoxyadenosine/deoxycytidine kinase'
2 non-polymer 4-azanyl-1-[(2~{R},3~{R},4~{S},5~{S})-5-(hydroxymethyl)-3,4,5-tris(oxidanyl)thiolan-2-yl]pyrimidin-2-one
3 non-polymer 'NITRATE ION'
4 water water
#
_entity_poly.entity_id   1
_entity_poly.type   'polypeptide(L)'
_entity_poly.pdbx_seq_one_letter_code
;STSDRLKAVEQNLYDVGPRDSGGREGPGHYIAISGNTAAGKTTLIETLAGSLRAAGADAVGVSERVFHHRYLKLMFSASA
DFAFPIQLSFMLERHLLLLDNLVRRGRTMVMERSHLDDAMFVREHVASGAITAAQQRAYTEVSGELNARIPNPDLIVLMN
PEPELSLERLARAEAEGSRPREFPSDAAKRAWVHRWYDLYQELHDDYRRRAVDGDLRGTELLELDAAASPEEKIATVTAR
ARSLVVG
;
_entity_poly.pdbx_strand_id   A
#
# COMPACT_ATOMS: atom_id res chain seq x y z
N ALA A 8 -4.55 13.23 9.10
CA ALA A 8 -3.44 12.54 9.75
C ALA A 8 -3.21 13.09 11.16
N VAL A 9 -3.58 14.36 11.37
CA VAL A 9 -3.49 14.94 12.69
C VAL A 9 -4.60 14.39 13.60
N GLU A 10 -5.79 14.21 13.04
CA GLU A 10 -6.87 13.58 13.79
C GLU A 10 -6.51 12.15 14.20
N GLN A 11 -5.76 11.45 13.37
CA GLN A 11 -5.34 10.08 13.68
C GLN A 11 -4.09 10.03 14.54
N ASN A 12 -3.52 11.19 14.91
CA ASN A 12 -2.32 11.26 15.75
C ASN A 12 -1.17 10.44 15.17
N LEU A 13 -1.01 10.51 13.85
CA LEU A 13 0.01 9.70 13.18
C LEU A 13 1.42 10.17 13.50
N TYR A 14 1.59 11.46 13.83
CA TYR A 14 2.94 12.00 13.94
C TYR A 14 3.24 12.52 15.35
N ASP A 15 2.94 11.72 16.37
CA ASP A 15 3.12 12.07 17.78
C ASP A 15 4.44 11.48 18.27
N VAL A 16 5.37 12.34 18.69
CA VAL A 16 6.69 11.90 19.15
C VAL A 16 6.77 11.74 20.66
N GLY A 17 5.65 11.91 21.36
CA GLY A 17 5.62 11.72 22.79
C GLY A 17 5.75 10.26 23.17
N PRO A 18 5.87 9.98 24.47
CA PRO A 18 6.01 8.60 24.91
C PRO A 18 4.77 7.76 24.59
N ARG A 19 4.98 6.44 24.62
CA ARG A 19 3.99 5.46 24.20
C ARG A 19 2.68 5.50 24.98
N GLY A 26 5.26 -4.34 23.10
CA GLY A 26 5.49 -4.83 21.75
C GLY A 26 4.76 -4.03 20.69
N PRO A 27 4.87 -4.46 19.43
CA PRO A 27 4.15 -3.78 18.35
C PRO A 27 2.66 -4.07 18.44
N GLY A 28 1.90 -3.29 17.68
CA GLY A 28 0.48 -3.49 17.53
C GLY A 28 0.18 -4.49 16.44
N HIS A 29 -0.97 -4.32 15.80
CA HIS A 29 -1.37 -5.20 14.72
C HIS A 29 -1.30 -4.47 13.38
N TYR A 30 -1.01 -5.23 12.33
CA TYR A 30 -0.66 -4.70 11.02
C TYR A 30 -1.51 -5.44 10.00
N ILE A 31 -2.49 -4.75 9.44
CA ILE A 31 -3.37 -5.28 8.41
C ILE A 31 -3.09 -4.48 7.15
N ALA A 32 -2.95 -5.17 6.02
CA ALA A 32 -2.64 -4.49 4.78
C ALA A 32 -3.46 -5.06 3.64
N ILE A 33 -3.96 -4.18 2.78
CA ILE A 33 -4.46 -4.57 1.47
C ILE A 33 -3.26 -4.67 0.55
N SER A 34 -3.35 -5.56 -0.45
CA SER A 34 -2.33 -5.64 -1.48
C SER A 34 -3.00 -5.76 -2.83
N GLY A 35 -2.81 -4.76 -3.68
CA GLY A 35 -3.35 -4.81 -5.02
C GLY A 35 -3.21 -3.47 -5.68
N ASN A 36 -3.61 -3.42 -6.94
CA ASN A 36 -3.42 -2.22 -7.75
C ASN A 36 -4.56 -1.24 -7.50
N THR A 37 -4.55 -0.70 -6.29
CA THR A 37 -5.58 0.23 -5.83
C THR A 37 -5.26 1.67 -6.30
N ALA A 38 -5.18 1.81 -7.63
CA ALA A 38 -4.78 3.09 -8.24
C ALA A 38 -5.79 4.20 -7.96
N ALA A 39 -7.07 3.86 -7.83
CA ALA A 39 -8.10 4.83 -7.45
C ALA A 39 -8.36 4.86 -5.95
N GLY A 40 -7.74 3.96 -5.18
CA GLY A 40 -7.81 4.03 -3.74
C GLY A 40 -8.84 3.08 -3.15
N LYS A 41 -8.60 2.67 -1.90
CA LYS A 41 -9.55 1.88 -1.13
C LYS A 41 -9.84 2.58 0.19
N THR A 42 -9.98 3.90 0.13
CA THR A 42 -10.09 4.70 1.35
C THR A 42 -11.31 4.32 2.17
N THR A 43 -12.47 4.13 1.52
CA THR A 43 -13.67 3.74 2.26
C THR A 43 -13.48 2.40 2.97
N LEU A 44 -12.86 1.44 2.29
CA LEU A 44 -12.68 0.13 2.91
C LEU A 44 -11.74 0.21 4.11
N ILE A 45 -10.60 0.89 3.97
CA ILE A 45 -9.65 0.91 5.07
C ILE A 45 -10.19 1.71 6.25
N GLU A 46 -10.93 2.79 5.98
CA GLU A 46 -11.50 3.58 7.07
C GLU A 46 -12.62 2.84 7.77
N THR A 47 -13.47 2.15 7.01
CA THR A 47 -14.51 1.35 7.64
C THR A 47 -13.91 0.22 8.47
N LEU A 48 -12.88 -0.43 7.94
CA LEU A 48 -12.23 -1.51 8.66
C LEU A 48 -11.57 -1.01 9.95
N ALA A 49 -10.82 0.10 9.84
CA ALA A 49 -10.22 0.67 11.05
C ALA A 49 -11.29 1.05 12.07
N GLY A 50 -12.42 1.56 11.60
CA GLY A 50 -13.51 1.88 12.51
C GLY A 50 -14.04 0.66 13.24
N SER A 51 -14.17 -0.47 12.52
CA SER A 51 -14.65 -1.69 13.15
C SER A 51 -13.67 -2.16 14.23
N LEU A 52 -12.37 -1.95 14.00
CA LEU A 52 -11.38 -2.34 14.99
C LEU A 52 -11.42 -1.41 16.19
N ARG A 53 -11.65 -0.11 15.96
CA ARG A 53 -11.87 0.82 17.07
C ARG A 53 -13.09 0.42 17.89
N ALA A 54 -14.17 0.03 17.20
CA ALA A 54 -15.38 -0.42 17.91
C ALA A 54 -15.06 -1.56 18.86
N ALA A 55 -14.15 -2.45 18.48
CA ALA A 55 -13.77 -3.58 19.32
C ALA A 55 -12.74 -3.21 20.38
N GLY A 56 -12.25 -1.98 20.39
CA GLY A 56 -11.38 -1.51 21.45
C GLY A 56 -9.95 -1.26 21.07
N ALA A 57 -9.60 -1.37 19.80
CA ALA A 57 -8.24 -1.12 19.36
C ALA A 57 -8.04 0.36 19.04
N ASP A 58 -6.83 0.84 19.29
CA ASP A 58 -6.41 2.14 18.76
C ASP A 58 -5.99 1.92 17.31
N ALA A 59 -6.96 1.97 16.41
CA ALA A 59 -6.75 1.58 15.02
C ALA A 59 -6.92 2.79 14.10
N VAL A 60 -6.07 2.85 13.07
CA VAL A 60 -6.13 3.92 12.09
C VAL A 60 -5.99 3.33 10.70
N GLY A 61 -6.75 3.88 9.74
CA GLY A 61 -6.68 3.48 8.37
C GLY A 61 -5.83 4.48 7.59
N VAL A 62 -4.75 4.00 7.01
CA VAL A 62 -3.74 4.85 6.37
C VAL A 62 -3.82 4.66 4.86
N SER A 63 -4.36 5.67 4.17
CA SER A 63 -4.40 5.61 2.72
C SER A 63 -3.07 6.09 2.14
N GLU A 64 -2.82 5.70 0.89
CA GLU A 64 -1.56 6.06 0.22
C GLU A 64 -1.40 7.57 0.11
N ARG A 65 -2.51 8.31 0.08
CA ARG A 65 -2.43 9.77 0.00
C ARG A 65 -1.57 10.36 1.12
N VAL A 66 -1.50 9.70 2.27
CA VAL A 66 -0.60 10.14 3.34
C VAL A 66 0.85 10.18 2.86
N PHE A 67 1.22 9.32 1.92
CA PHE A 67 2.62 9.22 1.48
C PHE A 67 2.87 9.91 0.15
N HIS A 68 1.88 10.62 -0.39
CA HIS A 68 2.08 11.32 -1.64
C HIS A 68 3.00 12.50 -1.40
N HIS A 69 4.20 12.43 -1.96
CA HIS A 69 5.11 13.56 -1.87
C HIS A 69 4.50 14.74 -2.62
N ARG A 70 4.83 15.95 -2.18
CA ARG A 70 4.38 17.12 -2.92
C ARG A 70 4.85 17.09 -4.37
N TYR A 71 5.97 16.43 -4.66
CA TYR A 71 6.48 16.34 -6.03
C TYR A 71 5.96 15.12 -6.78
N LEU A 72 4.94 14.43 -6.27
CA LEU A 72 4.46 13.18 -6.87
C LEU A 72 4.29 13.25 -8.38
N LYS A 73 3.65 14.30 -8.90
CA LYS A 73 3.36 14.38 -10.33
C LYS A 73 4.62 14.25 -11.17
N LEU A 74 5.75 14.72 -10.65
CA LEU A 74 7.01 14.67 -11.40
C LEU A 74 7.52 13.25 -11.59
N MET A 75 7.12 12.30 -10.73
CA MET A 75 7.46 10.90 -10.99
C MET A 75 6.92 10.44 -12.34
N PHE A 76 5.80 11.01 -12.79
CA PHE A 76 5.14 10.59 -14.01
C PHE A 76 5.38 11.54 -15.18
N SER A 77 5.65 12.82 -14.91
CA SER A 77 5.95 13.76 -15.98
C SER A 77 7.44 13.95 -16.23
N ALA A 78 8.27 13.60 -15.25
CA ALA A 78 9.72 13.77 -15.33
C ALA A 78 10.38 12.54 -14.73
N SER A 79 9.92 11.38 -15.19
CA SER A 79 10.24 10.10 -14.53
C SER A 79 11.73 9.84 -14.45
N ALA A 80 12.47 10.16 -15.52
CA ALA A 80 13.89 9.86 -15.56
C ALA A 80 14.66 10.58 -14.48
N ASP A 81 14.12 11.69 -13.97
CA ASP A 81 14.74 12.46 -12.90
C ASP A 81 14.12 12.20 -11.54
N PHE A 82 12.80 12.00 -11.48
CA PHE A 82 12.13 11.99 -10.17
C PHE A 82 11.66 10.63 -9.70
N ALA A 83 11.60 9.61 -10.57
CA ALA A 83 11.03 8.34 -10.10
C ALA A 83 11.86 7.72 -8.98
N PHE A 84 13.19 7.75 -9.09
CA PHE A 84 14.04 7.18 -8.04
C PHE A 84 13.83 7.87 -6.70
N PRO A 85 13.99 9.19 -6.58
CA PRO A 85 13.81 9.80 -5.25
C PRO A 85 12.38 9.73 -4.76
N ILE A 86 11.37 9.77 -5.63
CA ILE A 86 10.01 9.67 -5.13
C ILE A 86 9.70 8.26 -4.66
N GLN A 87 10.24 7.25 -5.35
CA GLN A 87 10.10 5.89 -4.81
C GLN A 87 10.81 5.74 -3.48
N LEU A 88 12.00 6.34 -3.33
CA LEU A 88 12.64 6.33 -2.02
C LEU A 88 11.73 6.96 -0.98
N SER A 89 11.01 8.02 -1.36
CA SER A 89 10.13 8.70 -0.41
C SER A 89 8.98 7.80 0.03
N PHE A 90 8.32 7.12 -0.91
CA PHE A 90 7.25 6.22 -0.51
C PHE A 90 7.74 5.21 0.50
N MET A 91 8.87 4.56 0.20
CA MET A 91 9.42 3.56 1.10
C MET A 91 9.74 4.15 2.46
N LEU A 92 10.40 5.31 2.45
CA LEU A 92 10.90 5.89 3.70
C LEU A 92 9.75 6.40 4.56
N GLU A 93 8.79 7.10 3.96
CA GLU A 93 7.71 7.65 4.76
C GLU A 93 6.83 6.54 5.33
N ARG A 94 6.58 5.50 4.53
CA ARG A 94 5.81 4.38 5.04
C ARG A 94 6.57 3.68 6.15
N HIS A 95 7.88 3.53 5.98
CA HIS A 95 8.72 2.94 7.01
C HIS A 95 8.62 3.70 8.33
N LEU A 96 8.79 5.03 8.27
CA LEU A 96 8.78 5.83 9.49
C LEU A 96 7.42 5.79 10.16
N LEU A 97 6.35 5.85 9.37
N LEU A 97 6.35 5.85 9.37
CA LEU A 97 5.01 5.82 9.95
CA LEU A 97 5.02 5.81 9.95
C LEU A 97 4.76 4.50 10.67
C LEU A 97 4.78 4.51 10.68
N LEU A 98 5.24 3.39 10.09
CA LEU A 98 5.08 2.09 10.74
C LEU A 98 5.99 1.96 11.95
N LEU A 99 7.24 2.38 11.81
CA LEU A 99 8.18 2.26 12.92
C LEU A 99 7.69 3.02 14.13
N ASP A 100 7.09 4.20 13.91
CA ASP A 100 6.54 4.96 15.02
C ASP A 100 5.20 4.40 15.51
N ASN A 101 4.22 4.27 14.61
CA ASN A 101 2.87 3.95 15.08
C ASN A 101 2.71 2.49 15.47
N LEU A 102 3.21 1.58 14.63
CA LEU A 102 3.02 0.16 14.88
C LEU A 102 4.04 -0.34 15.91
N VAL A 103 5.31 -0.08 15.69
CA VAL A 103 6.35 -0.69 16.52
C VAL A 103 6.52 0.06 17.83
N ARG A 104 6.82 1.36 17.75
CA ARG A 104 7.12 2.13 18.97
C ARG A 104 5.86 2.31 19.82
N ARG A 105 4.74 2.68 19.21
CA ARG A 105 3.55 3.03 19.97
C ARG A 105 2.53 1.91 20.08
N GLY A 106 2.73 0.79 19.40
CA GLY A 106 1.84 -0.35 19.55
C GLY A 106 0.44 -0.16 19.04
N ARG A 107 0.23 0.70 18.06
CA ARG A 107 -1.10 0.97 17.51
C ARG A 107 -1.42 -0.06 16.43
N THR A 108 -2.69 -0.09 16.04
CA THR A 108 -3.16 -1.01 15.00
C THR A 108 -3.31 -0.25 13.69
N MET A 109 -2.65 -0.74 12.64
CA MET A 109 -2.50 -0.01 11.39
C MET A 109 -3.28 -0.80 10.35
N VAL A 110 -4.21 -0.15 9.67
CA VAL A 110 -4.87 -0.73 8.51
C VAL A 110 -4.36 0.04 7.30
N MET A 111 -3.49 -0.60 6.51
CA MET A 111 -2.71 0.08 5.49
C MET A 111 -3.31 -0.22 4.13
N GLU A 112 -3.45 0.80 3.29
CA GLU A 112 -3.80 0.54 1.89
C GLU A 112 -2.71 -0.26 1.18
N ARG A 113 -1.46 -0.13 1.62
CA ARG A 113 -0.35 -0.85 1.03
C ARG A 113 0.74 -1.07 2.09
N SER A 114 1.30 -2.27 2.12
CA SER A 114 2.36 -2.58 3.07
C SER A 114 3.74 -2.26 2.50
N HIS A 115 4.73 -2.32 3.39
CA HIS A 115 6.12 -2.09 3.01
C HIS A 115 6.65 -3.16 2.08
N LEU A 116 5.96 -4.29 1.93
CA LEU A 116 6.45 -5.34 1.04
C LEU A 116 6.18 -5.04 -0.42
N ASP A 117 5.31 -4.07 -0.73
CA ASP A 117 4.86 -3.88 -2.09
C ASP A 117 5.54 -2.74 -2.82
N ASP A 118 6.31 -1.90 -2.12
CA ASP A 118 6.94 -0.75 -2.78
C ASP A 118 7.95 -1.17 -3.83
N ALA A 119 8.66 -2.29 -3.61
CA ALA A 119 9.72 -2.69 -4.54
C ALA A 119 9.18 -2.94 -5.93
N MET A 120 7.94 -3.43 -6.04
CA MET A 120 7.31 -3.64 -7.34
C MET A 120 7.21 -2.35 -8.14
N PHE A 121 6.98 -1.23 -7.47
CA PHE A 121 6.87 0.05 -8.17
C PHE A 121 8.22 0.52 -8.69
N VAL A 122 9.31 0.19 -8.00
CA VAL A 122 10.64 0.44 -8.53
C VAL A 122 10.90 -0.46 -9.73
N ARG A 123 10.45 -1.72 -9.66
CA ARG A 123 10.65 -2.62 -10.80
C ARG A 123 9.99 -2.09 -12.05
N GLU A 124 8.81 -1.49 -11.91
CA GLU A 124 8.14 -0.90 -13.06
C GLU A 124 8.99 0.19 -13.71
N HIS A 125 9.55 1.09 -12.88
CA HIS A 125 10.37 2.17 -13.43
C HIS A 125 11.70 1.68 -13.97
N VAL A 126 12.23 0.57 -13.44
CA VAL A 126 13.43 0.01 -14.05
C VAL A 126 13.13 -0.52 -15.44
N ALA A 127 12.00 -1.19 -15.60
CA ALA A 127 11.64 -1.76 -16.90
C ALA A 127 11.38 -0.68 -17.94
N SER A 128 10.96 0.51 -17.53
CA SER A 128 10.76 1.60 -18.48
C SER A 128 12.00 2.43 -18.71
N GLY A 129 13.06 2.20 -17.93
CA GLY A 129 14.27 2.99 -17.99
C GLY A 129 14.28 4.25 -17.18
N ALA A 130 13.23 4.52 -16.39
CA ALA A 130 13.20 5.72 -15.57
C ALA A 130 14.12 5.62 -14.37
N ILE A 131 14.34 4.41 -13.86
CA ILE A 131 15.28 4.16 -12.78
C ILE A 131 16.36 3.24 -13.34
N THR A 132 17.63 3.57 -13.11
CA THR A 132 18.71 2.75 -13.65
C THR A 132 18.92 1.51 -12.80
N ALA A 133 19.62 0.54 -13.37
CA ALA A 133 19.96 -0.66 -12.61
C ALA A 133 20.78 -0.31 -11.37
N ALA A 134 21.69 0.66 -11.48
CA ALA A 134 22.50 1.05 -10.32
C ALA A 134 21.64 1.72 -9.26
N GLN A 135 20.69 2.55 -9.67
CA GLN A 135 19.77 3.13 -8.70
C GLN A 135 18.96 2.05 -8.01
N GLN A 136 18.49 1.05 -8.77
CA GLN A 136 17.74 -0.04 -8.17
C GLN A 136 18.57 -0.81 -7.16
N ARG A 137 19.84 -1.09 -7.47
CA ARG A 137 20.69 -1.79 -6.50
C ARG A 137 20.81 -1.01 -5.20
N ALA A 138 20.97 0.32 -5.31
CA ALA A 138 21.06 1.14 -4.11
C ALA A 138 19.75 1.10 -3.33
N TYR A 139 18.63 1.24 -4.04
CA TYR A 139 17.31 1.14 -3.41
C TYR A 139 17.18 -0.18 -2.67
N THR A 140 17.57 -1.28 -3.31
CA THR A 140 17.40 -2.59 -2.69
C THR A 140 18.21 -2.71 -1.41
N GLU A 141 19.39 -2.13 -1.39
CA GLU A 141 20.21 -2.24 -0.19
C GLU A 141 19.56 -1.47 0.97
N VAL A 142 19.07 -0.27 0.72
CA VAL A 142 18.38 0.47 1.78
C VAL A 142 17.08 -0.22 2.16
N SER A 143 16.31 -0.68 1.18
CA SER A 143 15.04 -1.35 1.45
C SER A 143 15.25 -2.58 2.33
N GLY A 144 16.32 -3.34 2.08
CA GLY A 144 16.59 -4.50 2.92
C GLY A 144 16.84 -4.12 4.37
N GLU A 145 17.61 -3.06 4.59
CA GLU A 145 17.87 -2.62 5.96
C GLU A 145 16.61 -2.08 6.62
N LEU A 146 15.80 -1.30 5.90
CA LEU A 146 14.57 -0.75 6.48
C LEU A 146 13.58 -1.87 6.78
N ASN A 147 13.33 -2.74 5.80
CA ASN A 147 12.30 -3.76 6.00
C ASN A 147 12.67 -4.74 7.12
N ALA A 148 13.96 -4.93 7.39
CA ALA A 148 14.38 -5.81 8.47
C ALA A 148 13.97 -5.29 9.84
N ARG A 149 13.54 -4.04 9.95
N ARG A 149 13.61 -4.02 9.96
CA ARG A 149 13.16 -3.46 11.21
CA ARG A 149 13.17 -3.43 11.22
C ARG A 149 11.65 -3.36 11.38
C ARG A 149 11.65 -3.30 11.35
N ILE A 150 10.88 -3.79 10.39
CA ILE A 150 9.43 -3.69 10.41
C ILE A 150 8.86 -5.11 10.40
N PRO A 151 7.95 -5.44 11.30
CA PRO A 151 7.35 -6.79 11.27
C PRO A 151 6.56 -7.00 9.99
N ASN A 152 6.48 -8.27 9.58
CA ASN A 152 5.59 -8.60 8.49
C ASN A 152 4.17 -8.22 8.89
N PRO A 153 3.31 -7.87 7.93
CA PRO A 153 1.89 -7.72 8.27
C PRO A 153 1.35 -8.99 8.89
N ASP A 154 0.35 -8.82 9.75
CA ASP A 154 -0.31 -9.96 10.38
C ASP A 154 -1.41 -10.53 9.50
N LEU A 155 -2.03 -9.68 8.69
CA LEU A 155 -3.13 -10.08 7.83
C LEU A 155 -2.95 -9.30 6.53
N ILE A 156 -2.86 -10.02 5.42
CA ILE A 156 -2.70 -9.41 4.09
C ILE A 156 -3.89 -9.83 3.26
N VAL A 157 -4.59 -8.85 2.69
CA VAL A 157 -5.80 -9.09 1.91
C VAL A 157 -5.45 -8.81 0.46
N LEU A 158 -5.48 -9.85 -0.37
CA LEU A 158 -5.21 -9.67 -1.80
C LEU A 158 -6.48 -9.16 -2.47
N MET A 159 -6.38 -7.97 -3.08
N MET A 159 -6.38 -8.01 -3.11
CA MET A 159 -7.49 -7.27 -3.74
CA MET A 159 -7.50 -7.51 -3.88
C MET A 159 -6.90 -6.50 -4.92
C MET A 159 -6.98 -7.21 -5.28
N ASN A 160 -6.90 -7.12 -6.09
N ASN A 160 -7.83 -7.43 -6.28
CA ASN A 160 -6.34 -6.48 -7.28
CA ASN A 160 -7.38 -7.41 -7.67
C ASN A 160 -7.47 -6.22 -8.28
C ASN A 160 -8.36 -6.64 -8.54
N PRO A 161 -8.06 -5.02 -8.30
N PRO A 161 -8.46 -5.33 -8.33
CA PRO A 161 -9.16 -4.77 -9.22
CA PRO A 161 -9.29 -4.51 -9.23
C PRO A 161 -8.67 -4.72 -10.66
C PRO A 161 -8.73 -4.57 -10.64
N GLU A 162 -9.60 -4.91 -11.59
CA GLU A 162 -9.22 -4.92 -12.98
C GLU A 162 -8.92 -3.49 -13.44
N PRO A 163 -8.01 -3.33 -14.41
CA PRO A 163 -7.58 -1.97 -14.81
C PRO A 163 -8.70 -1.10 -15.33
N GLU A 164 -9.66 -1.70 -16.04
CA GLU A 164 -10.76 -0.92 -16.59
C GLU A 164 -11.56 -0.27 -15.47
N LEU A 165 -11.72 -0.98 -14.35
CA LEU A 165 -12.42 -0.43 -13.19
C LEU A 165 -11.59 0.66 -12.52
N SER A 166 -10.30 0.40 -12.30
CA SER A 166 -9.43 1.44 -11.75
C SER A 166 -9.52 2.70 -12.59
N LEU A 167 -9.50 2.54 -13.91
CA LEU A 167 -9.42 3.69 -14.79
C LEU A 167 -10.75 4.43 -14.84
N GLU A 168 -11.88 3.71 -14.80
CA GLU A 168 -13.17 4.39 -14.73
C GLU A 168 -13.29 5.22 -13.46
N ARG A 169 -12.88 4.64 -12.32
CA ARG A 169 -12.92 5.38 -11.06
C ARG A 169 -12.00 6.59 -11.09
N LEU A 170 -10.79 6.41 -11.63
N LEU A 170 -10.78 6.40 -11.62
CA LEU A 170 -9.84 7.51 -11.67
CA LEU A 170 -9.82 7.50 -11.68
C LEU A 170 -10.31 8.63 -12.58
C LEU A 170 -10.34 8.63 -12.57
N ALA A 171 -10.90 8.28 -13.73
CA ALA A 171 -11.40 9.30 -14.64
C ALA A 171 -12.49 10.14 -13.99
N ARG A 172 -13.39 9.50 -13.25
CA ARG A 172 -14.46 10.24 -12.59
C ARG A 172 -13.91 11.14 -11.50
N ALA A 173 -12.95 10.64 -10.71
CA ALA A 173 -12.37 11.45 -9.64
C ALA A 173 -11.62 12.66 -10.21
N GLU A 174 -10.87 12.47 -11.30
CA GLU A 174 -10.19 13.60 -11.93
C GLU A 174 -11.18 14.59 -12.51
N ALA A 175 -12.23 14.10 -13.17
CA ALA A 175 -13.20 15.00 -13.79
C ALA A 175 -13.93 15.82 -12.73
N GLU A 176 -14.21 15.23 -11.57
CA GLU A 176 -14.91 15.93 -10.52
C GLU A 176 -14.00 16.72 -9.59
N GLY A 177 -12.69 16.73 -9.86
CA GLY A 177 -11.77 17.48 -9.04
C GLY A 177 -11.45 16.87 -7.70
N SER A 178 -11.87 15.63 -7.44
CA SER A 178 -11.62 15.05 -6.13
C SER A 178 -10.17 14.58 -5.97
N ARG A 179 -9.40 14.53 -7.05
CA ARG A 179 -7.97 14.35 -6.93
C ARG A 179 -7.31 14.99 -8.14
N PRO A 180 -6.05 15.40 -8.03
CA PRO A 180 -5.39 15.99 -9.19
C PRO A 180 -5.14 14.94 -10.27
N ARG A 181 -4.95 15.43 -11.48
CA ARG A 181 -4.47 14.60 -12.58
C ARG A 181 -2.98 14.40 -12.38
N GLU A 182 -2.58 13.20 -11.94
CA GLU A 182 -1.19 12.96 -11.61
C GLU A 182 -0.33 12.59 -12.81
N PHE A 183 -0.95 12.29 -13.94
CA PHE A 183 -0.22 11.76 -15.08
C PHE A 183 -0.15 12.79 -16.20
N PRO A 184 0.87 12.70 -17.07
CA PRO A 184 1.08 13.74 -18.09
C PRO A 184 0.22 13.57 -19.35
N SER A 185 -0.51 12.48 -19.47
CA SER A 185 -1.41 12.26 -20.60
C SER A 185 -2.38 11.17 -20.18
N ASP A 186 -3.52 11.13 -20.86
CA ASP A 186 -4.46 10.03 -20.64
C ASP A 186 -3.82 8.68 -20.92
N ALA A 187 -2.99 8.60 -21.97
CA ALA A 187 -2.38 7.34 -22.31
C ALA A 187 -1.37 6.90 -21.26
N ALA A 188 -0.61 7.85 -20.71
CA ALA A 188 0.36 7.50 -19.68
C ALA A 188 -0.33 6.99 -18.42
N LYS A 189 -1.43 7.64 -18.02
CA LYS A 189 -2.25 7.14 -16.92
C LYS A 189 -2.67 5.69 -17.16
N ARG A 190 -3.25 5.42 -18.32
CA ARG A 190 -3.70 4.06 -18.62
C ARG A 190 -2.53 3.10 -18.65
N ALA A 191 -1.39 3.52 -19.19
CA ALA A 191 -0.24 2.62 -19.30
C ALA A 191 0.32 2.27 -17.92
N TRP A 192 0.52 3.26 -17.06
CA TRP A 192 1.00 2.97 -15.70
C TRP A 192 0.02 2.07 -14.97
N VAL A 193 -1.27 2.36 -15.05
CA VAL A 193 -2.24 1.53 -14.34
C VAL A 193 -2.19 0.09 -14.83
N HIS A 194 -2.04 -0.10 -16.16
CA HIS A 194 -1.97 -1.46 -16.69
C HIS A 194 -0.68 -2.15 -16.27
N ARG A 195 0.45 -1.43 -16.29
CA ARG A 195 1.71 -2.02 -15.86
C ARG A 195 1.64 -2.45 -14.41
N TRP A 196 1.06 -1.61 -13.55
CA TRP A 196 0.95 -1.99 -12.14
C TRP A 196 0.04 -3.19 -11.98
N TYR A 197 -1.08 -3.24 -12.71
CA TYR A 197 -1.97 -4.39 -12.64
C TYR A 197 -1.23 -5.67 -13.02
N ASP A 198 -0.49 -5.63 -14.14
CA ASP A 198 0.22 -6.82 -14.59
C ASP A 198 1.25 -7.25 -13.55
N LEU A 199 2.01 -6.31 -13.01
CA LEU A 199 2.99 -6.65 -11.99
C LEU A 199 2.32 -7.20 -10.74
N TYR A 200 1.13 -6.68 -10.38
CA TYR A 200 0.44 -7.17 -9.20
C TYR A 200 -0.09 -8.59 -9.39
N GLN A 201 -0.46 -8.97 -10.61
CA GLN A 201 -0.85 -10.37 -10.83
C GLN A 201 0.29 -11.30 -10.50
N GLU A 202 1.51 -10.94 -10.92
N GLU A 202 1.51 -10.93 -10.92
CA GLU A 202 2.67 -11.75 -10.60
CA GLU A 202 2.68 -11.74 -10.60
C GLU A 202 2.99 -11.71 -9.10
C GLU A 202 2.98 -11.71 -9.11
N LEU A 203 2.90 -10.52 -8.49
CA LEU A 203 3.18 -10.40 -7.07
C LEU A 203 2.20 -11.22 -6.24
N HIS A 204 0.95 -11.30 -6.68
CA HIS A 204 -0.04 -12.08 -5.93
C HIS A 204 0.23 -13.58 -6.06
N ASP A 205 0.69 -14.03 -7.23
CA ASP A 205 1.18 -15.41 -7.33
C ASP A 205 2.35 -15.63 -6.37
N ASP A 206 3.29 -14.69 -6.31
CA ASP A 206 4.39 -14.79 -5.35
C ASP A 206 3.86 -14.88 -3.92
N TYR A 207 2.87 -14.07 -3.57
CA TYR A 207 2.34 -14.07 -2.21
C TYR A 207 1.82 -15.45 -1.82
N ARG A 208 1.13 -16.12 -2.73
CA ARG A 208 0.59 -17.43 -2.40
C ARG A 208 1.69 -18.42 -2.11
N ARG A 209 2.83 -18.31 -2.80
CA ARG A 209 3.97 -19.17 -2.48
C ARG A 209 4.62 -18.74 -1.17
N ARG A 210 4.85 -17.44 -0.98
CA ARG A 210 5.64 -17.01 0.16
C ARG A 210 4.89 -17.21 1.48
N ALA A 211 3.56 -17.23 1.45
CA ALA A 211 2.77 -17.48 2.65
C ALA A 211 2.87 -18.93 3.11
N VAL A 212 3.23 -19.85 2.22
CA VAL A 212 3.25 -21.27 2.52
C VAL A 212 4.67 -21.79 2.67
N ASP A 213 5.59 -21.30 1.85
CA ASP A 213 6.95 -21.83 1.77
C ASP A 213 8.01 -20.74 1.83
N GLY A 214 7.63 -19.49 2.10
CA GLY A 214 8.59 -18.41 2.17
C GLY A 214 8.50 -17.66 3.48
N ASP A 215 8.75 -16.36 3.43
CA ASP A 215 8.93 -15.57 4.65
C ASP A 215 7.61 -15.14 5.31
N LEU A 216 6.45 -15.54 4.80
CA LEU A 216 5.18 -15.09 5.34
C LEU A 216 4.37 -16.20 6.01
N ARG A 217 5.04 -17.27 6.46
CA ARG A 217 4.32 -18.39 7.06
C ARG A 217 3.58 -18.04 8.35
N GLY A 218 4.02 -17.02 9.07
CA GLY A 218 3.34 -16.58 10.28
C GLY A 218 2.28 -15.52 10.04
N THR A 219 1.95 -15.22 8.79
CA THR A 219 0.98 -14.20 8.41
C THR A 219 -0.26 -14.89 7.84
N GLU A 220 -1.46 -14.32 8.13
CA GLU A 220 -2.68 -14.80 7.50
C GLU A 220 -2.84 -14.12 6.13
N LEU A 221 -2.91 -14.92 5.06
CA LEU A 221 -3.13 -14.40 3.72
C LEU A 221 -4.58 -14.65 3.37
N LEU A 222 -5.34 -13.58 3.14
CA LEU A 222 -6.76 -13.67 2.85
C LEU A 222 -6.98 -13.32 1.39
N GLU A 223 -7.65 -14.23 0.68
CA GLU A 223 -8.09 -14.02 -0.69
C GLU A 223 -9.60 -14.06 -0.69
N LEU A 224 -10.21 -13.22 -1.52
CA LEU A 224 -11.64 -13.03 -1.51
C LEU A 224 -12.28 -13.75 -2.69
N ASP A 225 -13.50 -14.24 -2.47
CA ASP A 225 -14.21 -15.01 -3.49
C ASP A 225 -14.62 -14.12 -4.66
N ALA A 228 -18.22 -12.83 -4.94
CA ALA A 228 -18.79 -12.26 -3.73
C ALA A 228 -19.04 -10.75 -3.87
N SER A 229 -20.12 -10.28 -3.24
CA SER A 229 -20.51 -8.89 -3.32
C SER A 229 -19.54 -8.02 -2.52
N PRO A 230 -19.53 -6.70 -2.75
CA PRO A 230 -18.69 -5.84 -1.92
C PRO A 230 -19.04 -5.91 -0.44
N GLU A 231 -20.32 -6.12 -0.12
CA GLU A 231 -20.73 -6.30 1.28
C GLU A 231 -20.14 -7.57 1.85
N GLU A 232 -20.14 -8.65 1.07
CA GLU A 232 -19.55 -9.90 1.55
C GLU A 232 -18.04 -9.76 1.74
N LYS A 233 -17.39 -8.99 0.87
CA LYS A 233 -15.94 -8.82 0.98
C LYS A 233 -15.56 -8.06 2.24
N ILE A 234 -16.22 -6.92 2.49
CA ILE A 234 -15.95 -6.17 3.72
C ILE A 234 -16.21 -7.02 4.96
N ALA A 235 -17.32 -7.78 4.94
CA ALA A 235 -17.64 -8.62 6.09
C ALA A 235 -16.57 -9.67 6.32
N THR A 236 -16.04 -10.26 5.25
CA THR A 236 -15.00 -11.28 5.41
C THR A 236 -13.72 -10.67 5.98
N VAL A 237 -13.29 -9.55 5.41
CA VAL A 237 -12.06 -8.91 5.89
C VAL A 237 -12.21 -8.49 7.35
N THR A 238 -13.37 -7.92 7.70
CA THR A 238 -13.58 -7.43 9.05
C THR A 238 -13.53 -8.57 10.06
N ALA A 239 -14.14 -9.71 9.72
CA ALA A 239 -14.13 -10.84 10.64
C ALA A 239 -12.70 -11.29 10.93
N ARG A 240 -11.86 -11.37 9.90
CA ARG A 240 -10.48 -11.84 10.12
C ARG A 240 -9.64 -10.80 10.86
N ALA A 241 -9.84 -9.51 10.57
CA ALA A 241 -9.09 -8.50 11.31
C ALA A 241 -9.50 -8.46 12.78
N ARG A 242 -10.78 -8.67 13.07
CA ARG A 242 -11.25 -8.60 14.45
C ARG A 242 -10.71 -9.75 15.29
N SER A 243 -10.24 -10.82 14.67
CA SER A 243 -9.59 -11.87 15.45
C SER A 243 -8.35 -11.37 16.17
N LEU A 244 -7.81 -10.21 15.76
CA LEU A 244 -6.57 -9.71 16.35
C LEU A 244 -6.79 -8.74 17.50
N VAL A 245 -7.99 -8.19 17.67
CA VAL A 245 -8.18 -7.11 18.63
C VAL A 245 -8.21 -7.68 20.04
N VAL A 246 -7.33 -7.18 20.91
CA VAL A 246 -7.32 -7.62 22.30
C VAL A 246 -8.06 -6.59 23.15
#